data_6HF6
#
_entry.id   6HF6
#
_cell.length_a   124.620
_cell.length_b   124.620
_cell.length_c   130.310
_cell.angle_alpha   90.00
_cell.angle_beta   90.00
_cell.angle_gamma   90.00
#
_symmetry.space_group_name_H-M   'P 41 21 2'
#
loop_
_entity.id
_entity.type
_entity.pdbx_description
1 polymer 'Deglycase PH1704'
2 non-polymer Tb-Xo4
3 non-polymer 'MALONATE ION'
4 non-polymer 'TERBIUM(III) ION'
5 water water
#
_entity_poly.entity_id   1
_entity_poly.type   'polypeptide(L)'
_entity_poly.pdbx_seq_one_letter_code
;MKVLFLTANEFEDVELIYPYHRLKEEGHAVYIASFERGTITGKHGYSVKVDLTFDKVNPAEFDALVLPGGRAPERVRLNA
KAVSIARKMFSEGKPVASICHGPQILISAGVLRGRKGTSYPGIKDDMINAGVEWVDAEVVVDGNWVSSRVPADLYAWMRE
FVKLLK
;
_entity_poly.pdbx_strand_id   A,B,C
#
loop_
_chem_comp.id
_chem_comp.type
_chem_comp.name
_chem_comp.formula
7MT non-polymer Tb-Xo4 'C20 H23 N5 O4 Tb 5'
MLI non-polymer 'MALONATE ION' 'C3 H2 O4 -2'
TB non-polymer 'TERBIUM(III) ION' 'Tb 3'
#
# COMPACT_ATOMS: atom_id res chain seq x y z
N MET A 1 1.94 -28.48 -1.66
CA MET A 1 2.57 -28.40 -0.36
C MET A 1 1.88 -27.38 0.55
N LYS A 2 1.61 -27.76 1.80
CA LYS A 2 0.94 -26.90 2.77
C LYS A 2 1.96 -26.38 3.77
N VAL A 3 2.13 -25.07 3.84
CA VAL A 3 3.07 -24.42 4.75
C VAL A 3 2.31 -23.78 5.89
N LEU A 4 2.66 -24.15 7.13
CA LEU A 4 2.03 -23.61 8.33
C LEU A 4 2.87 -22.49 8.91
N PHE A 5 2.22 -21.41 9.36
CA PHE A 5 2.90 -20.31 10.06
C PHE A 5 2.37 -20.30 11.51
N LEU A 6 3.26 -20.24 12.52
CA LEU A 6 2.83 -20.12 13.93
C LEU A 6 3.16 -18.72 14.35
N THR A 7 2.14 -17.94 14.72
CA THR A 7 2.37 -16.53 15.04
C THR A 7 1.25 -15.96 15.92
N ALA A 8 1.30 -14.67 16.18
CA ALA A 8 0.34 -14.00 17.06
C ALA A 8 0.45 -12.51 16.89
N ASN A 9 -0.26 -11.73 17.71
CA ASN A 9 -0.17 -10.27 17.63
C ASN A 9 1.27 -9.84 17.91
N GLU A 10 1.67 -8.70 17.31
CA GLU A 10 3.01 -8.13 17.44
C GLU A 10 4.08 -8.94 16.73
N PHE A 11 3.69 -9.71 15.71
CA PHE A 11 4.65 -10.36 14.82
C PHE A 11 5.37 -9.21 14.07
N GLU A 12 6.60 -9.47 13.60
N GLU A 12 6.59 -9.47 13.60
CA GLU A 12 7.35 -8.47 12.83
CA GLU A 12 7.35 -8.48 12.84
C GLU A 12 6.72 -8.56 11.44
C GLU A 12 6.73 -8.57 11.44
N ASP A 13 6.04 -7.49 11.00
CA ASP A 13 5.20 -7.50 9.79
C ASP A 13 5.84 -8.09 8.54
N VAL A 14 7.01 -7.58 8.12
CA VAL A 14 7.66 -8.09 6.90
C VAL A 14 8.14 -9.54 7.05
N GLU A 15 8.45 -9.99 8.27
CA GLU A 15 8.88 -11.39 8.48
C GLU A 15 7.77 -12.41 8.30
N LEU A 16 6.53 -11.99 8.32
CA LEU A 16 5.40 -12.84 8.04
C LEU A 16 4.98 -12.64 6.58
N ILE A 17 4.78 -11.38 6.17
CA ILE A 17 4.28 -11.07 4.81
C ILE A 17 5.25 -11.51 3.71
N TYR A 18 6.55 -11.29 3.91
CA TYR A 18 7.53 -11.69 2.89
C TYR A 18 7.49 -13.22 2.59
N PRO A 19 7.70 -14.13 3.57
CA PRO A 19 7.64 -15.57 3.24
C PRO A 19 6.25 -16.00 2.77
N TYR A 20 5.17 -15.38 3.28
CA TYR A 20 3.81 -15.70 2.87
C TYR A 20 3.67 -15.55 1.34
N HIS A 21 4.06 -14.37 0.81
CA HIS A 21 3.99 -14.15 -0.63
C HIS A 21 5.06 -14.91 -1.39
N ARG A 22 6.28 -15.01 -0.85
CA ARG A 22 7.34 -15.75 -1.56
C ARG A 22 6.97 -17.21 -1.79
N LEU A 23 6.32 -17.85 -0.80
CA LEU A 23 5.93 -19.25 -0.92
C LEU A 23 4.68 -19.40 -1.78
N LYS A 24 3.74 -18.42 -1.74
CA LYS A 24 2.57 -18.43 -2.64
C LYS A 24 3.06 -18.32 -4.10
N GLU A 25 4.15 -17.58 -4.36
CA GLU A 25 4.69 -17.48 -5.74
C GLU A 25 4.98 -18.89 -6.30
N GLU A 26 5.51 -19.79 -5.45
CA GLU A 26 5.82 -21.17 -5.86
C GLU A 26 4.58 -22.06 -6.02
N GLY A 27 3.38 -21.58 -5.68
CA GLY A 27 2.16 -22.38 -5.74
C GLY A 27 1.91 -23.16 -4.46
N HIS A 28 2.67 -22.93 -3.37
CA HIS A 28 2.42 -23.62 -2.10
C HIS A 28 1.21 -22.98 -1.42
N ALA A 29 0.44 -23.80 -0.67
CA ALA A 29 -0.70 -23.32 0.10
C ALA A 29 -0.10 -22.81 1.44
N VAL A 30 -0.53 -21.64 1.90
CA VAL A 30 0.01 -21.00 3.11
C VAL A 30 -1.12 -20.80 4.14
N TYR A 31 -0.85 -21.15 5.39
CA TYR A 31 -1.84 -21.11 6.48
C TYR A 31 -1.30 -20.39 7.70
N ILE A 32 -2.05 -19.44 8.24
CA ILE A 32 -1.68 -18.70 9.44
C ILE A 32 -2.40 -19.33 10.61
N ALA A 33 -1.65 -19.84 11.60
CA ALA A 33 -2.25 -20.37 12.81
C ALA A 33 -1.94 -19.44 13.97
N SER A 34 -2.94 -19.18 14.82
CA SER A 34 -2.75 -18.35 16.02
C SER A 34 -3.70 -18.77 17.15
N PHE A 35 -3.78 -17.98 18.23
CA PHE A 35 -4.58 -18.33 19.41
C PHE A 35 -6.06 -18.43 19.13
N GLU A 36 -6.58 -17.51 18.32
CA GLU A 36 -8.01 -17.44 18.01
C GLU A 36 -8.24 -17.07 16.57
N ARG A 37 -9.46 -17.33 16.10
CA ARG A 37 -9.88 -16.95 14.75
C ARG A 37 -10.06 -15.44 14.70
N GLY A 38 -10.12 -14.90 13.50
CA GLY A 38 -10.27 -13.47 13.28
C GLY A 38 -8.98 -12.94 12.69
N THR A 39 -8.45 -11.85 13.24
CA THR A 39 -7.23 -11.26 12.69
C THR A 39 -6.22 -11.02 13.77
N ILE A 40 -4.95 -10.89 13.35
CA ILE A 40 -3.83 -10.54 14.22
C ILE A 40 -3.17 -9.33 13.58
N THR A 41 -2.51 -8.50 14.38
CA THR A 41 -1.91 -7.24 13.90
C THR A 41 -0.43 -7.22 14.24
N GLY A 42 0.42 -6.87 13.25
CA GLY A 42 1.85 -6.84 13.48
C GLY A 42 2.29 -5.62 14.27
N LYS A 43 3.57 -5.57 14.66
CA LYS A 43 4.18 -4.42 15.35
C LYS A 43 3.93 -3.09 14.60
N HIS A 44 3.99 -3.14 13.27
CA HIS A 44 3.82 -1.97 12.41
C HIS A 44 2.38 -1.75 11.90
N GLY A 45 1.40 -2.50 12.40
CA GLY A 45 0.01 -2.25 12.07
C GLY A 45 -0.57 -3.01 10.89
N TYR A 46 0.19 -3.91 10.23
CA TYR A 46 -0.43 -4.71 9.14
C TYR A 46 -1.32 -5.77 9.79
N SER A 47 -2.49 -6.04 9.21
CA SER A 47 -3.36 -7.04 9.81
C SER A 47 -3.52 -8.22 8.86
N VAL A 48 -3.57 -9.43 9.41
CA VAL A 48 -3.71 -10.65 8.60
C VAL A 48 -4.77 -11.54 9.22
N LYS A 49 -5.47 -12.27 8.37
CA LYS A 49 -6.51 -13.18 8.82
C LYS A 49 -5.86 -14.44 9.39
N VAL A 50 -6.41 -14.97 10.50
CA VAL A 50 -5.95 -16.23 11.08
C VAL A 50 -6.77 -17.33 10.37
N ASP A 51 -6.10 -18.34 9.79
CA ASP A 51 -6.80 -19.43 9.10
C ASP A 51 -7.31 -20.49 10.06
N LEU A 52 -6.55 -20.78 11.12
CA LEU A 52 -6.97 -21.78 12.10
C LEU A 52 -6.30 -21.53 13.43
N THR A 53 -6.87 -22.09 14.51
CA THR A 53 -6.28 -21.92 15.84
C THR A 53 -5.24 -23.01 16.09
N PHE A 54 -4.36 -22.82 17.08
CA PHE A 54 -3.37 -23.84 17.44
C PHE A 54 -4.05 -25.17 17.82
N ASP A 55 -5.14 -25.11 18.59
CA ASP A 55 -5.86 -26.34 19.01
C ASP A 55 -6.41 -27.13 17.82
N LYS A 56 -6.72 -26.47 16.70
CA LYS A 56 -7.25 -27.17 15.52
C LYS A 56 -6.17 -27.71 14.57
N VAL A 57 -4.90 -27.38 14.80
CA VAL A 57 -3.81 -27.84 13.93
C VAL A 57 -3.46 -29.31 14.21
N ASN A 58 -3.46 -30.13 13.17
CA ASN A 58 -2.96 -31.49 13.24
C ASN A 58 -1.59 -31.38 12.50
N PRO A 59 -0.42 -31.44 13.20
CA PRO A 59 0.88 -31.31 12.48
C PRO A 59 1.06 -32.24 11.27
N ALA A 60 0.46 -33.44 11.29
CA ALA A 60 0.54 -34.38 10.16
C ALA A 60 -0.01 -33.79 8.85
N GLU A 61 -0.96 -32.83 8.94
CA GLU A 61 -1.57 -32.22 7.75
C GLU A 61 -0.71 -31.15 7.07
N PHE A 62 0.39 -30.68 7.72
CA PHE A 62 1.25 -29.63 7.16
C PHE A 62 2.61 -30.19 6.78
N ASP A 63 3.19 -29.68 5.69
CA ASP A 63 4.46 -30.17 5.14
C ASP A 63 5.67 -29.35 5.54
N ALA A 64 5.47 -28.12 5.97
CA ALA A 64 6.57 -27.23 6.29
C ALA A 64 6.08 -26.19 7.26
N LEU A 65 7.03 -25.56 7.96
CA LEU A 65 6.72 -24.64 9.02
C LEU A 65 7.55 -23.35 8.94
N VAL A 66 6.89 -22.19 9.13
CA VAL A 66 7.58 -20.91 9.14
C VAL A 66 7.34 -20.28 10.49
N LEU A 67 8.40 -19.71 11.09
CA LEU A 67 8.33 -19.04 12.38
C LEU A 67 8.83 -17.61 12.24
N PRO A 68 7.91 -16.63 11.96
CA PRO A 68 8.34 -15.22 11.89
C PRO A 68 8.75 -14.74 13.28
N GLY A 69 9.37 -13.56 13.35
CA GLY A 69 9.82 -12.97 14.60
C GLY A 69 8.90 -11.89 15.13
N GLY A 70 9.49 -10.89 15.77
CA GLY A 70 8.76 -9.83 16.47
C GLY A 70 8.62 -10.23 17.92
N ARG A 71 7.57 -9.73 18.58
CA ARG A 71 7.28 -10.10 19.97
C ARG A 71 6.34 -11.28 20.04
N ALA A 72 5.73 -11.70 18.91
CA ALA A 72 4.79 -12.83 18.91
C ALA A 72 5.40 -14.14 19.44
N PRO A 73 6.66 -14.54 19.09
CA PRO A 73 7.18 -15.84 19.60
C PRO A 73 7.17 -16.00 21.11
N GLU A 74 7.40 -14.92 21.87
CA GLU A 74 7.36 -15.01 23.35
C GLU A 74 5.92 -15.30 23.89
N ARG A 75 4.88 -14.97 23.12
CA ARG A 75 3.49 -15.32 23.47
C ARG A 75 3.23 -16.76 23.00
N VAL A 76 3.60 -17.07 21.75
CA VAL A 76 3.38 -18.41 21.16
C VAL A 76 4.06 -19.51 21.99
N ARG A 77 5.29 -19.26 22.47
CA ARG A 77 6.06 -20.28 23.19
C ARG A 77 5.45 -20.66 24.58
N LEU A 78 4.48 -19.88 25.07
CA LEU A 78 3.76 -20.18 26.31
C LEU A 78 2.55 -21.06 26.04
N ASN A 79 2.21 -21.33 24.77
CA ASN A 79 1.07 -22.18 24.42
C ASN A 79 1.61 -23.56 24.17
N ALA A 80 1.31 -24.49 25.08
CA ALA A 80 1.85 -25.85 25.00
C ALA A 80 1.49 -26.53 23.66
N LYS A 81 0.27 -26.28 23.14
CA LYS A 81 -0.11 -26.88 21.84
C LYS A 81 0.78 -26.30 20.71
N ALA A 82 0.96 -24.98 20.63
CA ALA A 82 1.78 -24.38 19.56
C ALA A 82 3.23 -24.93 19.62
N VAL A 83 3.78 -25.08 20.84
CA VAL A 83 5.14 -25.63 21.00
C VAL A 83 5.18 -27.09 20.56
N SER A 84 4.15 -27.88 20.86
CA SER A 84 4.08 -29.29 20.43
C SER A 84 4.02 -29.41 18.90
N ILE A 85 3.35 -28.45 18.22
CA ILE A 85 3.28 -28.48 16.74
C ILE A 85 4.71 -28.30 16.19
N ALA A 86 5.42 -27.27 16.70
CA ALA A 86 6.80 -27.00 16.26
C ALA A 86 7.70 -28.15 16.57
N ARG A 87 7.56 -28.72 17.78
CA ARG A 87 8.35 -29.88 18.15
C ARG A 87 8.11 -31.02 17.18
N LYS A 88 6.85 -31.35 16.92
CA LYS A 88 6.54 -32.51 16.05
C LYS A 88 7.06 -32.33 14.62
N MET A 89 6.79 -31.17 14.02
CA MET A 89 7.23 -30.92 12.64
C MET A 89 8.75 -30.85 12.53
N PHE A 90 9.43 -30.15 13.46
CA PHE A 90 10.88 -30.04 13.42
C PHE A 90 11.54 -31.41 13.65
N SER A 91 11.12 -32.13 14.70
CA SER A 91 11.72 -33.44 15.02
C SER A 91 11.45 -34.50 13.93
N GLU A 92 10.36 -34.34 13.15
CA GLU A 92 10.09 -35.27 12.05
C GLU A 92 10.95 -34.94 10.79
N GLY A 93 11.75 -33.88 10.83
CA GLY A 93 12.61 -33.53 9.70
C GLY A 93 11.90 -32.72 8.62
N LYS A 94 10.70 -32.17 8.93
CA LYS A 94 10.02 -31.33 7.94
C LYS A 94 10.75 -30.01 7.82
N PRO A 95 10.76 -29.36 6.64
CA PRO A 95 11.43 -28.03 6.54
C PRO A 95 10.89 -27.00 7.54
N VAL A 96 11.79 -26.34 8.29
CA VAL A 96 11.40 -25.31 9.25
C VAL A 96 12.24 -24.05 8.99
N ALA A 97 11.58 -22.90 8.74
CA ALA A 97 12.26 -21.62 8.55
C ALA A 97 11.99 -20.75 9.77
N SER A 98 13.03 -20.17 10.35
CA SER A 98 12.85 -19.28 11.48
C SER A 98 13.64 -18.02 11.24
N ILE A 99 13.19 -16.90 11.79
CA ILE A 99 13.94 -15.65 11.68
C ILE A 99 13.76 -14.86 12.95
N CYS A 100 14.80 -14.06 13.32
CA CYS A 100 14.69 -13.08 14.40
C CYS A 100 14.33 -13.75 15.74
N HIS A 101 13.18 -13.46 16.37
CA HIS A 101 12.80 -14.14 17.61
C HIS A 101 12.09 -15.47 17.36
N GLY A 102 11.75 -15.77 16.11
CA GLY A 102 11.08 -17.03 15.74
C GLY A 102 11.61 -18.29 16.40
N PRO A 103 12.96 -18.51 16.49
CA PRO A 103 13.44 -19.76 17.12
C PRO A 103 13.23 -19.88 18.64
N GLN A 104 12.68 -18.86 19.32
CA GLN A 104 12.31 -19.01 20.75
C GLN A 104 11.29 -20.16 20.90
N ILE A 105 10.46 -20.36 19.89
CA ILE A 105 9.47 -21.46 19.89
C ILE A 105 10.21 -22.80 19.81
N LEU A 106 11.29 -22.88 19.00
CA LEU A 106 12.08 -24.13 18.88
C LEU A 106 12.89 -24.37 20.14
N ILE A 107 13.38 -23.30 20.81
CA ILE A 107 14.05 -23.45 22.10
C ILE A 107 13.06 -24.14 23.06
N SER A 108 11.82 -23.60 23.15
CA SER A 108 10.81 -24.16 24.05
C SER A 108 10.39 -25.61 23.66
N ALA A 109 10.47 -25.96 22.36
CA ALA A 109 10.19 -27.34 21.84
C ALA A 109 11.30 -28.37 22.24
N GLY A 110 12.47 -27.87 22.66
CA GLY A 110 13.57 -28.75 23.10
C GLY A 110 14.21 -29.53 21.96
N VAL A 111 14.23 -28.95 20.74
CA VAL A 111 14.73 -29.65 19.55
C VAL A 111 16.04 -29.08 18.99
N LEU A 112 16.65 -28.08 19.62
CA LEU A 112 17.84 -27.43 19.04
C LEU A 112 19.19 -27.88 19.57
N ARG A 113 19.24 -28.88 20.45
CA ARG A 113 20.50 -29.34 21.00
C ARG A 113 21.40 -29.94 19.94
N GLY A 114 22.60 -29.37 19.82
CA GLY A 114 23.56 -29.83 18.82
C GLY A 114 23.24 -29.36 17.40
N ARG A 115 22.25 -28.41 17.21
CA ARG A 115 21.91 -27.91 15.87
C ARG A 115 22.62 -26.58 15.64
N LYS A 116 22.80 -26.23 14.37
CA LYS A 116 23.53 -25.05 13.96
C LYS A 116 22.58 -24.06 13.32
N GLY A 117 22.61 -22.83 13.77
CA GLY A 117 21.71 -21.82 13.25
C GLY A 117 21.97 -20.44 13.80
N THR A 118 21.03 -19.54 13.53
CA THR A 118 21.14 -18.15 13.95
C THR A 118 19.81 -17.62 14.42
N SER A 119 19.78 -16.35 14.82
CA SER A 119 18.58 -15.70 15.34
C SER A 119 18.86 -14.21 15.43
N TYR A 120 17.90 -13.47 15.95
CA TYR A 120 18.11 -12.07 16.31
C TYR A 120 19.32 -12.07 17.28
N PRO A 121 20.36 -11.25 17.06
CA PRO A 121 21.54 -11.32 17.97
C PRO A 121 21.21 -11.09 19.44
N GLY A 122 20.17 -10.30 19.74
CA GLY A 122 19.71 -10.08 21.11
C GLY A 122 19.38 -11.33 21.89
N ILE A 123 19.00 -12.45 21.23
CA ILE A 123 18.72 -13.71 21.94
C ILE A 123 19.79 -14.80 21.63
N LYS A 124 20.97 -14.42 21.10
CA LYS A 124 21.98 -15.46 20.82
C LYS A 124 22.38 -16.25 22.08
N ASP A 125 22.51 -15.59 23.25
CA ASP A 125 22.90 -16.31 24.49
C ASP A 125 21.84 -17.34 24.89
N ASP A 126 20.57 -17.07 24.57
CA ASP A 126 19.50 -18.02 24.88
C ASP A 126 19.56 -19.21 23.92
N MET A 127 19.90 -18.95 22.65
CA MET A 127 20.08 -20.01 21.65
C MET A 127 21.27 -20.89 22.08
N ILE A 128 22.40 -20.24 22.49
CA ILE A 128 23.60 -20.98 22.96
C ILE A 128 23.25 -21.84 24.18
N ASN A 129 22.49 -21.29 25.14
CA ASN A 129 22.10 -22.07 26.34
C ASN A 129 21.14 -23.22 26.02
N ALA A 130 20.46 -23.17 24.87
CA ALA A 130 19.58 -24.25 24.41
C ALA A 130 20.39 -25.31 23.61
N GLY A 131 21.72 -25.15 23.49
CA GLY A 131 22.59 -26.09 22.82
C GLY A 131 22.84 -25.81 21.35
N VAL A 132 22.47 -24.59 20.85
CA VAL A 132 22.69 -24.23 19.45
C VAL A 132 24.16 -23.85 19.25
N GLU A 133 24.76 -24.25 18.10
CA GLU A 133 26.03 -23.74 17.61
C GLU A 133 25.62 -22.46 16.84
N TRP A 134 25.70 -21.29 17.53
CA TRP A 134 25.20 -20.05 16.98
C TRP A 134 26.18 -19.42 16.00
N VAL A 135 25.69 -19.01 14.83
CA VAL A 135 26.50 -18.45 13.74
C VAL A 135 25.97 -17.06 13.42
N ASP A 136 26.85 -16.07 13.25
CA ASP A 136 26.42 -14.72 12.85
C ASP A 136 26.44 -14.66 11.32
N ALA A 137 25.35 -15.10 10.67
CA ALA A 137 25.27 -15.09 9.21
C ALA A 137 23.86 -14.76 8.79
N GLU A 138 23.71 -14.18 7.61
CA GLU A 138 22.39 -13.79 7.11
C GLU A 138 21.46 -14.99 6.93
N VAL A 139 22.03 -16.17 6.62
CA VAL A 139 21.23 -17.39 6.54
C VAL A 139 22.10 -18.58 6.90
N VAL A 140 21.53 -19.53 7.65
CA VAL A 140 22.23 -20.78 8.00
C VAL A 140 21.28 -21.91 7.60
N VAL A 141 21.81 -22.97 7.01
CA VAL A 141 21.04 -24.13 6.58
C VAL A 141 21.61 -25.32 7.31
N ASP A 142 20.83 -25.95 8.20
CA ASP A 142 21.28 -27.13 8.93
C ASP A 142 20.24 -28.22 8.72
N GLY A 143 20.42 -29.02 7.68
CA GLY A 143 19.46 -30.05 7.30
C GLY A 143 18.11 -29.42 6.99
N ASN A 144 17.08 -29.72 7.80
CA ASN A 144 15.74 -29.16 7.59
C ASN A 144 15.53 -27.74 8.15
N TRP A 145 16.49 -27.23 8.97
CA TRP A 145 16.34 -25.94 9.63
C TRP A 145 17.05 -24.79 8.88
N VAL A 146 16.28 -23.83 8.37
CA VAL A 146 16.81 -22.65 7.66
C VAL A 146 16.58 -21.46 8.60
N SER A 147 17.64 -20.81 9.07
CA SER A 147 17.47 -19.72 10.02
C SER A 147 18.15 -18.45 9.56
N SER A 148 17.53 -17.29 9.88
CA SER A 148 18.06 -15.96 9.58
C SER A 148 17.91 -15.05 10.81
N ARG A 149 18.50 -13.86 10.77
CA ARG A 149 18.54 -12.98 11.96
C ARG A 149 17.55 -11.84 12.00
N VAL A 150 17.50 -11.01 10.94
CA VAL A 150 16.77 -9.75 10.93
C VAL A 150 16.08 -9.49 9.59
N PRO A 151 15.17 -8.48 9.49
CA PRO A 151 14.54 -8.17 8.18
C PRO A 151 15.50 -7.98 7.02
N ALA A 152 16.73 -7.41 7.24
CA ALA A 152 17.70 -7.26 6.15
C ALA A 152 18.12 -8.61 5.52
N ASP A 153 17.89 -9.76 6.21
CA ASP A 153 18.26 -11.08 5.70
C ASP A 153 17.15 -11.76 4.88
N LEU A 154 15.96 -11.15 4.76
CA LEU A 154 14.82 -11.81 4.07
C LEU A 154 15.18 -12.45 2.73
N TYR A 155 15.87 -11.72 1.86
CA TYR A 155 16.23 -12.25 0.54
C TYR A 155 16.96 -13.61 0.62
N ALA A 156 17.94 -13.73 1.54
CA ALA A 156 18.76 -14.94 1.71
C ALA A 156 17.99 -16.04 2.42
N TRP A 157 17.17 -15.65 3.42
CA TRP A 157 16.34 -16.57 4.20
C TRP A 157 15.44 -17.43 3.29
N MET A 158 14.62 -16.79 2.44
CA MET A 158 13.71 -17.56 1.56
C MET A 158 14.44 -18.11 0.36
N ARG A 159 15.56 -17.52 -0.07
CA ARG A 159 16.33 -18.11 -1.18
C ARG A 159 16.68 -19.55 -0.76
N GLU A 160 17.16 -19.75 0.47
CA GLU A 160 17.51 -21.09 0.95
C GLU A 160 16.29 -21.94 1.29
N PHE A 161 15.25 -21.35 1.89
CA PHE A 161 14.08 -22.15 2.25
C PHE A 161 13.35 -22.69 1.03
N VAL A 162 13.21 -21.88 -0.02
CA VAL A 162 12.56 -22.32 -1.25
C VAL A 162 13.28 -23.55 -1.84
N LYS A 163 14.64 -23.57 -1.80
CA LYS A 163 15.42 -24.72 -2.28
C LYS A 163 15.05 -26.01 -1.50
N LEU A 164 14.82 -25.94 -0.17
CA LEU A 164 14.42 -27.11 0.64
C LEU A 164 13.06 -27.65 0.21
N LEU A 165 12.13 -26.79 -0.22
CA LEU A 165 10.77 -27.23 -0.56
C LEU A 165 10.68 -27.79 -1.97
N LYS A 166 11.73 -27.61 -2.79
CA LYS A 166 11.72 -28.11 -4.16
C LYS A 166 11.96 -29.63 -4.18
N MET B 1 22.05 -7.35 -13.04
CA MET B 1 21.24 -6.20 -13.40
C MET B 1 21.16 -5.24 -12.24
N LYS B 2 21.02 -3.96 -12.56
CA LYS B 2 20.86 -2.90 -11.57
C LYS B 2 19.41 -2.47 -11.64
N VAL B 3 18.67 -2.63 -10.54
CA VAL B 3 17.26 -2.28 -10.47
C VAL B 3 17.10 -1.00 -9.66
N LEU B 4 16.46 0.01 -10.25
CA LEU B 4 16.24 1.28 -9.61
C LEU B 4 14.83 1.34 -9.02
N PHE B 5 14.70 1.90 -7.81
CA PHE B 5 13.38 2.13 -7.19
C PHE B 5 13.20 3.66 -7.08
N LEU B 6 12.03 4.19 -7.51
CA LEU B 6 11.73 5.63 -7.35
C LEU B 6 10.67 5.73 -6.29
N THR B 7 10.99 6.40 -5.17
CA THR B 7 10.06 6.44 -4.04
C THR B 7 10.35 7.64 -3.14
N ALA B 8 9.63 7.72 -2.01
CA ALA B 8 9.74 8.85 -1.10
C ALA B 8 9.07 8.48 0.21
N ASN B 9 9.02 9.40 1.18
CA ASN B 9 8.32 9.16 2.43
C ASN B 9 6.87 8.78 2.17
N GLU B 10 6.31 7.91 3.04
CA GLU B 10 4.91 7.46 2.96
C GLU B 10 4.70 6.49 1.83
N PHE B 11 5.77 5.79 1.45
CA PHE B 11 5.69 4.66 0.52
C PHE B 11 4.90 3.56 1.27
N GLU B 12 4.22 2.66 0.53
CA GLU B 12 3.53 1.52 1.15
CA GLU B 12 3.52 1.53 1.14
C GLU B 12 4.66 0.55 1.47
N ASP B 13 4.95 0.31 2.76
CA ASP B 13 6.11 -0.44 3.24
C ASP B 13 6.37 -1.76 2.57
N VAL B 14 5.39 -2.68 2.56
CA VAL B 14 5.62 -4.01 1.93
C VAL B 14 5.82 -3.92 0.41
N GLU B 15 5.24 -2.90 -0.25
CA GLU B 15 5.41 -2.74 -1.69
C GLU B 15 6.83 -2.32 -2.11
N LEU B 16 7.62 -1.76 -1.18
CA LEU B 16 9.03 -1.45 -1.41
C LEU B 16 9.89 -2.64 -0.93
N ILE B 17 9.66 -3.09 0.31
CA ILE B 17 10.50 -4.14 0.92
C ILE B 17 10.38 -5.48 0.21
N TYR B 18 9.16 -5.89 -0.17
CA TYR B 18 9.00 -7.18 -0.86
C TYR B 18 9.81 -7.27 -2.17
N PRO B 19 9.63 -6.38 -3.18
CA PRO B 19 10.43 -6.50 -4.40
C PRO B 19 11.92 -6.29 -4.15
N TYR B 20 12.29 -5.44 -3.16
CA TYR B 20 13.70 -5.21 -2.82
C TYR B 20 14.39 -6.54 -2.50
N HIS B 21 13.80 -7.31 -1.58
CA HIS B 21 14.37 -8.60 -1.20
C HIS B 21 14.17 -9.67 -2.27
N ARG B 22 13.00 -9.68 -2.94
CA ARG B 22 12.76 -10.70 -3.99
C ARG B 22 13.79 -10.59 -5.13
N LEU B 23 14.16 -9.36 -5.50
CA LEU B 23 15.13 -9.16 -6.58
C LEU B 23 16.55 -9.39 -6.09
N LYS B 24 16.85 -9.06 -4.80
CA LYS B 24 18.18 -9.38 -4.22
C LYS B 24 18.37 -10.91 -4.21
N GLU B 25 17.29 -11.69 -4.00
CA GLU B 25 17.40 -13.16 -4.00
C GLU B 25 18.01 -13.64 -5.33
N GLU B 26 17.62 -13.00 -6.44
CA GLU B 26 18.12 -13.35 -7.79
C GLU B 26 19.57 -12.88 -8.03
N GLY B 27 20.17 -12.12 -7.12
CA GLY B 27 21.51 -11.58 -7.31
C GLY B 27 21.51 -10.22 -8.02
N HIS B 28 20.33 -9.60 -8.22
CA HIS B 28 20.30 -8.28 -8.86
C HIS B 28 20.72 -7.24 -7.83
N ALA B 29 21.39 -6.18 -8.28
CA ALA B 29 21.75 -5.07 -7.39
C ALA B 29 20.49 -4.14 -7.34
N VAL B 30 20.13 -3.67 -6.15
CA VAL B 30 18.90 -2.86 -5.93
C VAL B 30 19.28 -1.50 -5.35
N TYR B 31 18.69 -0.43 -5.88
CA TYR B 31 19.00 0.94 -5.49
C TYR B 31 17.74 1.73 -5.19
N ILE B 32 17.71 2.42 -4.06
CA ILE B 32 16.58 3.27 -3.68
C ILE B 32 16.95 4.70 -4.03
N ALA B 33 16.15 5.34 -4.91
CA ALA B 33 16.36 6.74 -5.23
C ALA B 33 15.21 7.55 -4.64
N SER B 34 15.55 8.72 -4.06
CA SER B 34 14.54 9.63 -3.52
C SER B 34 15.01 11.09 -3.59
N PHE B 35 14.27 12.02 -2.96
CA PHE B 35 14.57 13.46 -3.04
C PHE B 35 15.93 13.82 -2.44
N GLU B 36 16.28 13.20 -1.31
CA GLU B 36 17.49 13.50 -0.58
C GLU B 36 18.11 12.25 0.00
N ARG B 37 19.39 12.38 0.38
CA ARG B 37 20.10 11.27 1.00
C ARG B 37 19.64 11.15 2.46
N GLY B 38 19.93 10.02 3.06
CA GLY B 38 19.52 9.73 4.42
C GLY B 38 18.51 8.61 4.39
N THR B 39 17.38 8.77 5.08
CA THR B 39 16.38 7.71 5.12
C THR B 39 15.01 8.25 4.77
N ILE B 40 14.12 7.34 4.39
CA ILE B 40 12.71 7.63 4.11
C ILE B 40 11.93 6.64 4.96
N THR B 41 10.70 7.02 5.36
CA THR B 41 9.88 6.20 6.25
C THR B 41 8.56 5.88 5.59
N GLY B 42 8.14 4.61 5.62
CA GLY B 42 6.89 4.21 4.98
C GLY B 42 5.68 4.61 5.81
N LYS B 43 4.48 4.42 5.24
CA LYS B 43 3.19 4.66 5.93
C LYS B 43 3.13 3.93 7.29
N HIS B 44 3.64 2.70 7.34
CA HIS B 44 3.65 1.86 8.54
C HIS B 44 4.90 1.98 9.42
N GLY B 45 5.80 2.94 9.13
CA GLY B 45 6.93 3.19 10.01
C GLY B 45 8.23 2.46 9.70
N TYR B 46 8.31 1.65 8.63
CA TYR B 46 9.60 1.01 8.30
C TYR B 46 10.51 2.08 7.69
N SER B 47 11.78 2.08 8.08
CA SER B 47 12.76 3.06 7.59
CA SER B 47 12.75 3.06 7.58
C SER B 47 13.72 2.39 6.61
N VAL B 48 14.04 3.05 5.48
CA VAL B 48 14.98 2.50 4.51
C VAL B 48 15.96 3.58 4.14
N LYS B 49 17.19 3.19 3.84
CA LYS B 49 18.24 4.11 3.46
C LYS B 49 18.04 4.49 1.99
N VAL B 50 18.25 5.77 1.66
CA VAL B 50 18.21 6.24 0.28
C VAL B 50 19.64 6.05 -0.28
N ASP B 51 19.79 5.37 -1.42
CA ASP B 51 21.11 5.14 -2.02
C ASP B 51 21.58 6.35 -2.83
N LEU B 52 20.66 7.03 -3.53
CA LEU B 52 21.04 8.19 -4.32
C LEU B 52 19.84 9.09 -4.54
N THR B 53 20.08 10.35 -4.88
CA THR B 53 18.99 11.30 -5.12
C THR B 53 18.55 11.21 -6.59
N PHE B 54 17.33 11.72 -6.90
CA PHE B 54 16.85 11.75 -8.29
C PHE B 54 17.82 12.49 -9.20
N ASP B 55 18.37 13.61 -8.69
CA ASP B 55 19.33 14.43 -9.46
C ASP B 55 20.58 13.64 -9.85
N LYS B 56 21.07 12.72 -9.01
CA LYS B 56 22.28 11.95 -9.33
C LYS B 56 22.01 10.71 -10.21
N VAL B 57 20.74 10.35 -10.48
CA VAL B 57 20.43 9.18 -11.30
C VAL B 57 20.71 9.44 -12.78
N ASN B 58 21.50 8.57 -13.41
CA ASN B 58 21.68 8.57 -14.83
C ASN B 58 20.86 7.34 -15.26
N PRO B 59 19.70 7.52 -15.91
CA PRO B 59 18.88 6.34 -16.31
C PRO B 59 19.59 5.28 -17.14
N ALA B 60 20.59 5.67 -17.93
CA ALA B 60 21.39 4.74 -18.74
C ALA B 60 22.12 3.70 -17.86
N GLU B 61 22.44 4.06 -16.60
CA GLU B 61 23.16 3.17 -15.68
C GLU B 61 22.27 2.11 -15.01
N PHE B 62 20.93 2.18 -15.18
CA PHE B 62 20.01 1.21 -14.54
C PHE B 62 19.33 0.38 -15.61
N ASP B 63 19.05 -0.88 -15.29
CA ASP B 63 18.48 -1.85 -16.23
C ASP B 63 16.99 -2.07 -16.07
N ALA B 64 16.44 -1.80 -14.90
CA ALA B 64 15.04 -2.08 -14.61
C ALA B 64 14.55 -1.09 -13.60
N LEU B 65 13.23 -0.86 -13.60
CA LEU B 65 12.63 0.14 -12.70
C LEU B 65 11.47 -0.44 -11.90
N VAL B 66 11.39 -0.09 -10.60
CA VAL B 66 10.29 -0.53 -9.75
C VAL B 66 9.63 0.70 -9.14
N LEU B 67 8.31 0.73 -9.18
CA LEU B 67 7.53 1.85 -8.66
C LEU B 67 6.56 1.35 -7.59
N PRO B 68 6.99 1.37 -6.30
CA PRO B 68 6.05 0.98 -5.21
C PRO B 68 4.95 2.03 -5.08
N GLY B 69 3.91 1.69 -4.31
CA GLY B 69 2.76 2.58 -4.10
C GLY B 69 2.81 3.34 -2.80
N GLY B 70 1.63 3.56 -2.21
CA GLY B 70 1.46 4.38 -1.02
C GLY B 70 1.14 5.80 -1.45
N ARG B 71 1.49 6.78 -0.63
CA ARG B 71 1.27 8.20 -0.94
C ARG B 71 2.52 8.81 -1.62
N ALA B 72 3.66 8.09 -1.60
CA ALA B 72 4.91 8.59 -2.20
C ALA B 72 4.77 8.95 -3.69
N PRO B 73 4.08 8.16 -4.56
CA PRO B 73 4.01 8.52 -5.98
C PRO B 73 3.44 9.92 -6.26
N GLU B 74 2.48 10.44 -5.45
CA GLU B 74 1.95 11.79 -5.65
C GLU B 74 2.99 12.88 -5.38
N ARG B 75 4.01 12.58 -4.57
CA ARG B 75 5.13 13.51 -4.31
C ARG B 75 6.16 13.34 -5.45
N VAL B 76 6.52 12.07 -5.75
CA VAL B 76 7.52 11.76 -6.79
C VAL B 76 7.12 12.33 -8.16
N ARG B 77 5.83 12.22 -8.52
CA ARG B 77 5.36 12.65 -9.83
C ARG B 77 5.43 14.19 -10.05
N LEU B 78 5.65 14.98 -9.00
CA LEU B 78 5.85 16.43 -9.12
C LEU B 78 7.32 16.78 -9.34
N ASN B 79 8.23 15.80 -9.28
CA ASN B 79 9.66 16.05 -9.49
C ASN B 79 9.96 15.75 -10.96
N ALA B 80 10.31 16.78 -11.76
CA ALA B 80 10.59 16.64 -13.20
C ALA B 80 11.71 15.62 -13.48
N LYS B 81 12.77 15.60 -12.64
CA LYS B 81 13.84 14.62 -12.83
C LYS B 81 13.33 13.19 -12.60
N ALA B 82 12.60 12.95 -11.51
CA ALA B 82 12.10 11.59 -11.25
C ALA B 82 11.16 11.12 -12.40
N VAL B 83 10.29 12.01 -12.90
CA VAL B 83 9.36 11.67 -14.00
C VAL B 83 10.18 11.41 -15.29
N SER B 84 11.23 12.18 -15.53
CA SER B 84 12.11 12.00 -16.69
C SER B 84 12.81 10.63 -16.65
N ILE B 85 13.22 10.18 -15.44
CA ILE B 85 13.87 8.87 -15.29
C ILE B 85 12.86 7.78 -15.71
N ALA B 86 11.63 7.86 -15.18
CA ALA B 86 10.60 6.88 -15.51
C ALA B 86 10.24 6.94 -17.02
N ARG B 87 10.12 8.16 -17.60
CA ARG B 87 9.82 8.32 -19.04
C ARG B 87 10.89 7.66 -19.88
N LYS B 88 12.16 7.95 -19.60
CA LYS B 88 13.27 7.38 -20.38
C LYS B 88 13.35 5.87 -20.27
N MET B 89 13.33 5.32 -19.05
CA MET B 89 13.47 3.86 -18.88
C MET B 89 12.27 3.11 -19.47
N PHE B 90 11.04 3.60 -19.23
CA PHE B 90 9.85 2.94 -19.77
C PHE B 90 9.82 3.03 -21.31
N SER B 91 10.03 4.23 -21.87
CA SER B 91 9.99 4.42 -23.32
C SER B 91 11.13 3.69 -24.05
N GLU B 92 12.25 3.42 -23.36
CA GLU B 92 13.34 2.62 -23.95
C GLU B 92 13.04 1.09 -23.91
N GLY B 93 11.92 0.66 -23.31
CA GLY B 93 11.56 -0.75 -23.26
C GLY B 93 12.22 -1.51 -22.12
N LYS B 94 12.82 -0.80 -21.14
CA LYS B 94 13.42 -1.49 -20.00
C LYS B 94 12.31 -2.04 -19.10
N PRO B 95 12.51 -3.19 -18.41
CA PRO B 95 11.47 -3.71 -17.52
C PRO B 95 11.01 -2.68 -16.46
N VAL B 96 9.70 -2.46 -16.34
CA VAL B 96 9.15 -1.55 -15.33
C VAL B 96 8.05 -2.28 -14.55
N ALA B 97 8.18 -2.33 -13.20
CA ALA B 97 7.19 -2.94 -12.34
C ALA B 97 6.46 -1.85 -11.58
N SER B 98 5.13 -1.81 -11.63
CA SER B 98 4.40 -0.86 -10.80
C SER B 98 3.35 -1.56 -9.96
N ILE B 99 3.00 -0.97 -8.82
CA ILE B 99 1.91 -1.51 -8.02
C ILE B 99 1.15 -0.37 -7.37
N CYS B 100 -0.16 -0.56 -7.14
CA CYS B 100 -0.97 0.35 -6.32
C CYS B 100 -0.96 1.78 -6.88
N HIS B 101 -0.44 2.81 -6.18
CA HIS B 101 -0.37 4.17 -6.74
C HIS B 101 0.88 4.39 -7.58
N GLY B 102 1.82 3.42 -7.59
CA GLY B 102 3.05 3.51 -8.38
C GLY B 102 2.91 4.01 -9.81
N PRO B 103 1.89 3.57 -10.60
CA PRO B 103 1.79 4.06 -12.00
C PRO B 103 1.37 5.52 -12.16
N GLN B 104 1.07 6.27 -11.07
CA GLN B 104 0.83 7.72 -11.18
C GLN B 104 2.08 8.41 -11.77
N ILE B 105 3.27 7.86 -11.48
CA ILE B 105 4.53 8.39 -12.04
C ILE B 105 4.56 8.17 -13.56
N LEU B 106 4.08 7.00 -14.03
CA LEU B 106 4.03 6.69 -15.47
C LEU B 106 2.96 7.52 -16.17
N ILE B 107 1.84 7.80 -15.49
CA ILE B 107 0.81 8.71 -16.04
C ILE B 107 1.51 10.07 -16.31
N SER B 108 2.22 10.59 -15.29
CA SER B 108 2.89 11.90 -15.43
C SER B 108 3.99 11.92 -16.50
N ALA B 109 4.65 10.78 -16.72
CA ALA B 109 5.69 10.65 -17.76
C ALA B 109 5.08 10.66 -19.19
N GLY B 110 3.77 10.39 -19.33
CA GLY B 110 3.12 10.42 -20.63
C GLY B 110 3.51 9.24 -21.51
N VAL B 111 3.62 8.03 -20.92
CA VAL B 111 4.04 6.82 -21.66
C VAL B 111 2.99 5.71 -21.71
N LEU B 112 1.82 5.89 -21.11
CA LEU B 112 0.85 4.79 -20.99
C LEU B 112 -0.25 4.71 -22.03
N ARG B 113 -0.33 5.68 -22.95
CA ARG B 113 -1.44 5.68 -23.88
C ARG B 113 -1.42 4.39 -24.74
N GLY B 114 -2.52 3.63 -24.71
CA GLY B 114 -2.66 2.36 -25.43
C GLY B 114 -2.12 1.14 -24.71
N ARG B 115 -1.44 1.33 -23.58
CA ARG B 115 -0.83 0.23 -22.85
C ARG B 115 -1.87 -0.43 -21.95
N LYS B 116 -1.64 -1.68 -21.60
CA LYS B 116 -2.56 -2.50 -20.83
C LYS B 116 -1.97 -2.77 -19.46
N GLY B 117 -2.72 -2.50 -18.43
CA GLY B 117 -2.22 -2.70 -17.09
C GLY B 117 -3.26 -2.47 -16.02
N THR B 118 -2.80 -2.42 -14.78
CA THR B 118 -3.68 -2.24 -13.63
C THR B 118 -3.04 -1.31 -12.61
N SER B 119 -3.74 -1.09 -11.51
CA SER B 119 -3.31 -0.17 -10.45
C SER B 119 -4.22 -0.37 -9.26
N TYR B 120 -4.00 0.42 -8.22
CA TYR B 120 -4.94 0.52 -7.11
C TYR B 120 -6.30 0.87 -7.75
N PRO B 121 -7.41 0.15 -7.44
CA PRO B 121 -8.69 0.48 -8.11
C PRO B 121 -9.16 1.92 -7.91
N GLY B 122 -8.80 2.55 -6.78
CA GLY B 122 -9.13 3.94 -6.51
C GLY B 122 -8.63 4.93 -7.57
N ILE B 123 -7.58 4.60 -8.34
CA ILE B 123 -7.10 5.50 -9.42
C ILE B 123 -7.35 4.89 -10.82
N LYS B 124 -8.21 3.88 -10.95
CA LYS B 124 -8.45 3.32 -12.29
C LYS B 124 -8.95 4.34 -13.31
N ASP B 125 -9.84 5.28 -12.90
CA ASP B 125 -10.34 6.30 -13.83
C ASP B 125 -9.23 7.21 -14.33
N ASP B 126 -8.20 7.45 -13.49
CA ASP B 126 -7.08 8.28 -13.90
C ASP B 126 -6.18 7.50 -14.88
N MET B 127 -6.04 6.18 -14.67
CA MET B 127 -5.29 5.33 -15.59
C MET B 127 -6.03 5.31 -16.95
N ILE B 128 -7.37 5.14 -16.92
CA ILE B 128 -8.19 5.13 -18.14
C ILE B 128 -8.05 6.47 -18.89
N ASN B 129 -8.09 7.61 -18.16
CA ASN B 129 -7.95 8.93 -18.79
C ASN B 129 -6.54 9.16 -19.38
N ALA B 130 -5.53 8.43 -18.88
CA ALA B 130 -4.17 8.49 -19.42
C ALA B 130 -4.00 7.54 -20.64
N GLY B 131 -5.07 6.84 -21.05
CA GLY B 131 -5.08 5.96 -22.20
C GLY B 131 -4.80 4.49 -21.91
N VAL B 132 -4.81 4.10 -20.64
CA VAL B 132 -4.56 2.72 -20.26
C VAL B 132 -5.80 1.87 -20.56
N GLU B 133 -5.58 0.64 -21.04
CA GLU B 133 -6.63 -0.36 -21.16
C GLU B 133 -6.59 -1.05 -19.76
N TRP B 134 -7.42 -0.59 -18.81
CA TRP B 134 -7.34 -1.02 -17.41
C TRP B 134 -7.99 -2.37 -17.19
N VAL B 135 -7.28 -3.28 -16.50
CA VAL B 135 -7.72 -4.65 -16.24
C VAL B 135 -7.77 -4.86 -14.74
N ASP B 136 -8.82 -5.50 -14.22
CA ASP B 136 -8.90 -5.82 -12.79
C ASP B 136 -8.29 -7.21 -12.60
N ALA B 137 -6.97 -7.29 -12.44
CA ALA B 137 -6.29 -8.58 -12.26
C ALA B 137 -5.13 -8.41 -11.30
N GLU B 138 -4.78 -9.47 -10.59
CA GLU B 138 -3.69 -9.40 -9.62
C GLU B 138 -2.35 -9.04 -10.26
N VAL B 139 -2.16 -9.43 -11.54
CA VAL B 139 -0.96 -9.03 -12.27
C VAL B 139 -1.28 -8.94 -13.75
N VAL B 140 -0.73 -7.93 -14.43
CA VAL B 140 -0.88 -7.78 -15.88
C VAL B 140 0.54 -7.62 -16.42
N VAL B 141 0.83 -8.28 -17.54
CA VAL B 141 2.13 -8.21 -18.20
C VAL B 141 1.89 -7.66 -19.57
N ASP B 142 2.41 -6.46 -19.88
CA ASP B 142 2.26 -5.86 -21.21
C ASP B 142 3.64 -5.49 -21.70
N GLY B 143 4.29 -6.42 -22.39
CA GLY B 143 5.65 -6.22 -22.88
C GLY B 143 6.58 -6.00 -21.69
N ASN B 144 7.18 -4.80 -21.59
CA ASN B 144 8.09 -4.47 -20.49
C ASN B 144 7.39 -4.03 -19.18
N TRP B 145 6.08 -3.76 -19.22
CA TRP B 145 5.35 -3.25 -18.06
C TRP B 145 4.60 -4.36 -17.28
N VAL B 146 5.02 -4.60 -16.03
CA VAL B 146 4.38 -5.58 -15.15
C VAL B 146 3.65 -4.77 -14.06
N SER B 147 2.32 -4.87 -14.01
CA SER B 147 1.57 -4.06 -13.04
C SER B 147 0.68 -4.90 -12.16
N SER B 148 0.53 -4.48 -10.89
CA SER B 148 -0.34 -5.11 -9.90
C SER B 148 -1.14 -4.04 -9.15
N ARG B 149 -2.12 -4.46 -8.32
CA ARG B 149 -3.04 -3.51 -7.67
C ARG B 149 -2.77 -3.16 -6.22
N VAL B 150 -2.63 -4.19 -5.37
CA VAL B 150 -2.59 -4.02 -3.91
C VAL B 150 -1.59 -4.97 -3.26
N PRO B 151 -1.26 -4.78 -1.95
CA PRO B 151 -0.35 -5.73 -1.26
C PRO B 151 -0.71 -7.21 -1.40
N ALA B 152 -2.01 -7.57 -1.47
CA ALA B 152 -2.40 -9.00 -1.63
C ALA B 152 -1.88 -9.60 -2.97
N ASP B 153 -1.50 -8.76 -3.95
CA ASP B 153 -0.99 -9.23 -5.25
C ASP B 153 0.52 -9.42 -5.29
N LEU B 154 1.27 -9.10 -4.21
CA LEU B 154 2.74 -9.17 -4.24
C LEU B 154 3.31 -10.45 -4.83
N TYR B 155 2.80 -11.61 -4.42
CA TYR B 155 3.30 -12.90 -4.90
C TYR B 155 3.28 -12.98 -6.44
N ALA B 156 2.16 -12.56 -7.07
CA ALA B 156 1.97 -12.62 -8.53
C ALA B 156 2.76 -11.52 -9.24
N TRP B 157 2.83 -10.33 -8.62
CA TRP B 157 3.55 -9.17 -9.17
C TRP B 157 5.03 -9.52 -9.45
N MET B 158 5.76 -10.01 -8.44
CA MET B 158 7.17 -10.33 -8.64
C MET B 158 7.36 -11.67 -9.34
N ARG B 159 6.39 -12.60 -9.25
CA ARG B 159 6.50 -13.85 -10.01
C ARG B 159 6.68 -13.48 -11.49
N GLU B 160 5.87 -12.54 -12.00
CA GLU B 160 5.97 -12.12 -13.40
C GLU B 160 7.16 -11.21 -13.65
N PHE B 161 7.47 -10.29 -12.75
CA PHE B 161 8.60 -9.38 -12.98
C PHE B 161 9.93 -10.11 -13.02
N VAL B 162 10.13 -11.09 -12.13
CA VAL B 162 11.39 -11.88 -12.12
CA VAL B 162 11.38 -11.87 -12.12
C VAL B 162 11.58 -12.58 -13.47
N LYS B 163 10.47 -13.12 -14.09
CA LYS B 163 10.55 -13.78 -15.41
C LYS B 163 11.07 -12.80 -16.47
N LEU B 164 10.61 -11.53 -16.40
CA LEU B 164 11.04 -10.50 -17.35
C LEU B 164 12.53 -10.21 -17.21
N LEU B 165 13.07 -10.25 -16.00
CA LEU B 165 14.49 -9.93 -15.79
C LEU B 165 15.44 -11.10 -16.12
N LYS B 166 14.91 -12.33 -16.36
CA LYS B 166 15.74 -13.50 -16.68
C LYS B 166 16.21 -13.42 -18.12
N MET C 1 -31.66 26.39 2.12
CA MET C 1 -30.40 26.06 1.46
C MET C 1 -29.84 24.79 2.11
N LYS C 2 -29.92 23.65 1.39
CA LYS C 2 -29.44 22.36 1.89
C LYS C 2 -28.15 22.02 1.17
N VAL C 3 -27.04 21.98 1.92
CA VAL C 3 -25.71 21.71 1.37
C VAL C 3 -25.33 20.28 1.70
N LEU C 4 -25.02 19.49 0.66
CA LEU C 4 -24.63 18.09 0.82
C LEU C 4 -23.10 17.96 0.78
N PHE C 5 -22.52 17.12 1.66
CA PHE C 5 -21.10 16.81 1.65
C PHE C 5 -20.95 15.32 1.30
N LEU C 6 -20.09 14.96 0.33
CA LEU C 6 -19.82 13.56 -0.01
C LEU C 6 -18.44 13.25 0.52
N THR C 7 -18.33 12.32 1.46
CA THR C 7 -17.06 12.05 2.10
C THR C 7 -17.03 10.64 2.70
N ALA C 8 -15.92 10.33 3.40
CA ALA C 8 -15.73 9.00 4.00
C ALA C 8 -14.60 9.07 5.00
N ASN C 9 -14.21 7.92 5.60
CA ASN C 9 -13.06 7.90 6.50
C ASN C 9 -11.80 8.41 5.80
N GLU C 10 -10.87 8.99 6.58
CA GLU C 10 -9.60 9.56 6.09
C GLU C 10 -9.81 10.82 5.25
N PHE C 11 -10.90 11.55 5.56
CA PHE C 11 -11.13 12.84 4.95
C PHE C 11 -10.06 13.77 5.55
N GLU C 12 -9.73 14.87 4.86
CA GLU C 12 -8.76 15.82 5.39
C GLU C 12 -9.62 16.65 6.36
N ASP C 13 -9.33 16.54 7.67
CA ASP C 13 -10.19 17.08 8.75
C ASP C 13 -10.63 18.52 8.57
N VAL C 14 -9.70 19.48 8.42
CA VAL C 14 -10.09 20.91 8.28
C VAL C 14 -10.87 21.18 6.99
N GLU C 15 -10.65 20.38 5.94
CA GLU C 15 -11.38 20.60 4.67
C GLU C 15 -12.84 20.22 4.74
N LEU C 16 -13.21 19.40 5.72
CA LEU C 16 -14.61 19.06 5.99
C LEU C 16 -15.16 20.05 7.04
N ILE C 17 -14.47 20.18 8.18
CA ILE C 17 -14.95 21.00 9.32
C ILE C 17 -15.06 22.49 8.98
N TYR C 18 -14.07 23.05 8.27
CA TYR C 18 -14.12 24.47 7.92
C TYR C 18 -15.38 24.85 7.09
N PRO C 19 -15.64 24.24 5.91
CA PRO C 19 -16.87 24.61 5.16
C PRO C 19 -18.15 24.27 5.92
N TYR C 20 -18.14 23.18 6.72
CA TYR C 20 -19.31 22.79 7.51
C TYR C 20 -19.75 23.95 8.42
N HIS C 21 -18.80 24.50 9.21
CA HIS C 21 -19.11 25.61 10.09
C HIS C 21 -19.29 26.93 9.32
N ARG C 22 -18.50 27.18 8.28
CA ARG C 22 -18.63 28.42 7.51
C ARG C 22 -20.03 28.54 6.89
N LEU C 23 -20.58 27.44 6.39
CA LEU C 23 -21.91 27.46 5.77
C LEU C 23 -23.00 27.47 6.81
N LYS C 24 -22.79 26.82 7.98
CA LYS C 24 -23.76 26.91 9.10
C LYS C 24 -23.86 28.36 9.59
N GLU C 25 -22.73 29.11 9.56
CA GLU C 25 -22.77 30.53 9.98
C GLU C 25 -23.82 31.30 9.16
N GLU C 26 -23.94 31.00 7.85
CA GLU C 26 -24.91 31.64 6.97
C GLU C 26 -26.36 31.16 7.17
N GLY C 27 -26.59 30.16 8.01
CA GLY C 27 -27.93 29.62 8.25
C GLY C 27 -28.28 28.50 7.29
N HIS C 28 -27.31 28.00 6.50
CA HIS C 28 -27.59 26.89 5.58
C HIS C 28 -27.63 25.57 6.37
N ALA C 29 -28.48 24.63 5.94
CA ALA C 29 -28.54 23.31 6.54
C ALA C 29 -27.44 22.46 5.87
N VAL C 30 -26.60 21.78 6.68
CA VAL C 30 -25.44 21.03 6.19
C VAL C 30 -25.63 19.54 6.50
N TYR C 31 -25.34 18.67 5.52
CA TYR C 31 -25.56 17.23 5.63
C TYR C 31 -24.32 16.47 5.21
N ILE C 32 -23.88 15.51 6.04
CA ILE C 32 -22.74 14.66 5.72
C ILE C 32 -23.29 13.35 5.19
N ALA C 33 -22.94 12.99 3.95
CA ALA C 33 -23.32 11.71 3.39
C ALA C 33 -22.08 10.83 3.27
N SER C 34 -22.22 9.56 3.63
CA SER C 34 -21.13 8.60 3.49
C SER C 34 -21.66 7.18 3.24
N PHE C 35 -20.79 6.15 3.29
CA PHE C 35 -21.16 4.77 2.98
C PHE C 35 -22.20 4.20 3.93
N GLU C 36 -22.05 4.49 5.22
CA GLU C 36 -22.92 3.95 6.27
C GLU C 36 -23.19 4.99 7.33
N ARG C 37 -24.28 4.80 8.09
CA ARG C 37 -24.58 5.69 9.21
C ARG C 37 -23.59 5.39 10.35
N GLY C 38 -23.56 6.29 11.31
CA GLY C 38 -22.63 6.24 12.44
C GLY C 38 -21.65 7.39 12.30
N THR C 39 -20.36 7.12 12.45
CA THR C 39 -19.37 8.18 12.36
C THR C 39 -18.27 7.83 11.38
N ILE C 40 -17.55 8.86 10.95
CA ILE C 40 -16.37 8.71 10.08
C ILE C 40 -15.27 9.51 10.77
N THR C 41 -14.00 9.12 10.56
CA THR C 41 -12.85 9.72 11.24
C THR C 41 -11.86 10.26 10.21
N GLY C 42 -11.41 11.50 10.39
CA GLY C 42 -10.47 12.11 9.44
C GLY C 42 -9.07 11.60 9.61
N LYS C 43 -8.17 11.98 8.69
CA LYS C 43 -6.73 11.65 8.74
C LYS C 43 -6.10 12.02 10.09
N HIS C 44 -6.50 13.17 10.64
CA HIS C 44 -5.98 13.68 11.93
C HIS C 44 -6.81 13.28 13.16
N GLY C 45 -7.79 12.38 13.02
CA GLY C 45 -8.51 11.85 14.16
C GLY C 45 -9.77 12.58 14.58
N TYR C 46 -10.23 13.63 13.86
CA TYR C 46 -11.51 14.26 14.22
C TYR C 46 -12.63 13.33 13.77
N SER C 47 -13.68 13.18 14.58
CA SER C 47 -14.83 12.31 14.27
C SER C 47 -16.03 13.16 13.95
N VAL C 48 -16.81 12.79 12.93
CA VAL C 48 -18.06 13.50 12.64
C VAL C 48 -19.13 12.46 12.40
N LYS C 49 -20.37 12.83 12.68
CA LYS C 49 -21.54 11.98 12.49
C LYS C 49 -21.94 11.99 11.01
N VAL C 50 -22.34 10.82 10.49
CA VAL C 50 -22.86 10.71 9.12
C VAL C 50 -24.38 10.97 9.23
N ASP C 51 -24.93 11.90 8.45
CA ASP C 51 -26.36 12.20 8.48
C ASP C 51 -27.17 11.22 7.64
N LEU C 52 -26.64 10.79 6.49
CA LEU C 52 -27.35 9.84 5.64
C LEU C 52 -26.37 9.09 4.76
N THR C 53 -26.79 7.94 4.23
CA THR C 53 -25.93 7.14 3.36
C THR C 53 -26.08 7.63 1.90
N PHE C 54 -25.13 7.25 1.03
CA PHE C 54 -25.21 7.60 -0.40
C PHE C 54 -26.50 7.05 -1.02
N ASP C 55 -26.89 5.81 -0.66
CA ASP C 55 -28.13 5.18 -1.16
C ASP C 55 -29.41 5.94 -0.81
N LYS C 56 -29.43 6.66 0.31
CA LYS C 56 -30.61 7.44 0.74
C LYS C 56 -30.64 8.86 0.17
N VAL C 57 -29.57 9.32 -0.50
CA VAL C 57 -29.53 10.68 -1.05
C VAL C 57 -30.37 10.77 -2.32
N ASN C 58 -31.28 11.75 -2.38
CA ASN C 58 -32.00 12.09 -3.59
C ASN C 58 -31.35 13.42 -3.99
N PRO C 59 -30.53 13.48 -5.06
CA PRO C 59 -29.84 14.75 -5.40
C PRO C 59 -30.76 15.97 -5.60
N ALA C 60 -32.04 15.74 -6.00
CA ALA C 60 -33.04 16.82 -6.17
C ALA C 60 -33.33 17.55 -4.85
N GLU C 61 -33.14 16.89 -3.69
CA GLU C 61 -33.40 17.50 -2.38
C GLU C 61 -32.29 18.43 -1.90
N PHE C 62 -31.11 18.45 -2.56
CA PHE C 62 -29.96 19.25 -2.13
C PHE C 62 -29.69 20.36 -3.13
N ASP C 63 -29.28 21.52 -2.63
CA ASP C 63 -29.06 22.72 -3.45
C ASP C 63 -27.61 22.97 -3.83
N ALA C 64 -26.67 22.47 -3.04
CA ALA C 64 -25.25 22.68 -3.28
C ALA C 64 -24.46 21.47 -2.77
N LEU C 65 -23.25 21.28 -3.28
CA LEU C 65 -22.40 20.13 -2.98
C LEU C 65 -21.02 20.58 -2.57
N VAL C 66 -20.46 19.97 -1.51
CA VAL C 66 -19.08 20.23 -1.08
C VAL C 66 -18.32 18.91 -1.12
N LEU C 67 -17.12 18.93 -1.72
CA LEU C 67 -16.26 17.76 -1.85
C LEU C 67 -14.94 18.03 -1.14
N PRO C 68 -14.84 17.67 0.17
CA PRO C 68 -13.53 17.82 0.87
C PRO C 68 -12.51 16.84 0.30
N GLY C 69 -11.24 17.02 0.67
CA GLY C 69 -10.14 16.17 0.21
C GLY C 69 -9.73 15.11 1.20
N GLY C 70 -8.43 14.81 1.21
CA GLY C 70 -7.85 13.73 1.99
C GLY C 70 -7.79 12.48 1.14
N ARG C 71 -7.83 11.31 1.77
CA ARG C 71 -7.84 10.02 1.04
C ARG C 71 -9.27 9.53 0.81
N ALA C 72 -10.29 10.18 1.42
CA ALA C 72 -11.70 9.78 1.24
C ALA C 72 -12.18 9.81 -0.23
N PRO C 73 -11.84 10.83 -1.06
CA PRO C 73 -12.35 10.82 -2.45
C PRO C 73 -12.00 9.58 -3.27
N GLU C 74 -10.83 8.94 -3.03
CA GLU C 74 -10.47 7.71 -3.74
C GLU C 74 -11.36 6.51 -3.38
N ARG C 75 -12.00 6.55 -2.20
CA ARG C 75 -12.97 5.54 -1.78
C ARG C 75 -14.34 5.93 -2.35
N VAL C 76 -14.73 7.20 -2.16
CA VAL C 76 -16.04 7.71 -2.64
C VAL C 76 -16.23 7.50 -4.14
N ARG C 77 -15.17 7.76 -4.93
CA ARG C 77 -15.26 7.68 -6.39
C ARG C 77 -15.49 6.24 -6.93
N LEU C 78 -15.34 5.21 -6.10
CA LEU C 78 -15.63 3.82 -6.49
C LEU C 78 -17.10 3.47 -6.20
N ASN C 79 -17.86 4.37 -5.56
CA ASN C 79 -19.27 4.12 -5.27
C ASN C 79 -20.09 4.75 -6.39
N ALA C 80 -20.76 3.92 -7.23
CA ALA C 80 -21.55 4.41 -8.38
C ALA C 80 -22.63 5.40 -7.95
N LYS C 81 -23.30 5.16 -6.80
CA LYS C 81 -24.31 6.09 -6.36
C LYS C 81 -23.70 7.44 -5.97
N ALA C 82 -22.60 7.48 -5.19
CA ALA C 82 -21.97 8.75 -4.82
C ALA C 82 -21.52 9.54 -6.08
N VAL C 83 -20.94 8.84 -7.07
CA VAL C 83 -20.50 9.49 -8.31
C VAL C 83 -21.72 10.04 -9.10
N SER C 84 -22.83 9.28 -9.12
CA SER C 84 -24.06 9.73 -9.80
CA SER C 84 -24.06 9.73 -9.80
C SER C 84 -24.63 11.00 -9.12
N ILE C 85 -24.52 11.11 -7.77
CA ILE C 85 -25.00 12.29 -7.05
C ILE C 85 -24.19 13.51 -7.54
N ALA C 86 -22.85 13.38 -7.54
CA ALA C 86 -21.96 14.45 -7.99
C ALA C 86 -22.21 14.78 -9.48
N ARG C 87 -22.39 13.75 -10.33
CA ARG C 87 -22.68 13.97 -11.76
C ARG C 87 -23.96 14.80 -11.95
N LYS C 88 -25.04 14.37 -11.30
CA LYS C 88 -26.33 15.04 -11.42
C LYS C 88 -26.29 16.48 -10.93
N MET C 89 -25.79 16.72 -9.71
CA MET C 89 -25.76 18.06 -9.13
C MET C 89 -24.84 18.99 -9.94
N PHE C 90 -23.63 18.52 -10.32
CA PHE C 90 -22.70 19.34 -11.10
C PHE C 90 -23.27 19.64 -12.49
N SER C 91 -23.75 18.61 -13.22
CA SER C 91 -24.27 18.80 -14.57
C SER C 91 -25.57 19.65 -14.60
N GLU C 92 -26.35 19.67 -13.49
CA GLU C 92 -27.53 20.53 -13.35
C GLU C 92 -27.15 22.02 -13.13
N GLY C 93 -25.87 22.34 -12.90
CA GLY C 93 -25.44 23.70 -12.64
C GLY C 93 -25.57 24.13 -11.19
N LYS C 94 -25.78 23.18 -10.26
CA LYS C 94 -25.85 23.53 -8.85
C LYS C 94 -24.44 23.88 -8.35
N PRO C 95 -24.30 24.82 -7.37
CA PRO C 95 -22.96 25.14 -6.85
C PRO C 95 -22.21 23.92 -6.32
N VAL C 96 -20.96 23.72 -6.78
CA VAL C 96 -20.11 22.61 -6.33
C VAL C 96 -18.77 23.17 -5.88
N ALA C 97 -18.38 22.87 -4.63
CA ALA C 97 -17.10 23.30 -4.07
C ALA C 97 -16.22 22.07 -3.94
N SER C 98 -14.98 22.12 -4.47
CA SER C 98 -14.04 21.00 -4.29
C SER C 98 -12.72 21.54 -3.79
N ILE C 99 -11.99 20.74 -3.05
CA ILE C 99 -10.66 21.12 -2.61
C ILE C 99 -9.77 19.90 -2.59
N CYS C 100 -8.45 20.09 -2.83
CA CYS C 100 -7.44 19.05 -2.64
C CYS C 100 -7.74 17.79 -3.50
N HIS C 101 -8.02 16.60 -2.92
CA HIS C 101 -8.36 15.43 -3.74
C HIS C 101 -9.86 15.37 -4.06
N GLY C 102 -10.67 16.25 -3.47
CA GLY C 102 -12.11 16.31 -3.72
C GLY C 102 -12.56 16.16 -5.17
N PRO C 103 -11.90 16.84 -6.17
CA PRO C 103 -12.36 16.70 -7.57
C PRO C 103 -12.10 15.34 -8.23
N GLN C 104 -11.46 14.37 -7.55
CA GLN C 104 -11.35 13.00 -8.09
C GLN C 104 -12.77 12.42 -8.32
N ILE C 105 -13.72 12.81 -7.47
CA ILE C 105 -15.12 12.40 -7.62
C ILE C 105 -15.72 12.98 -8.90
N LEU C 106 -15.38 14.24 -9.22
CA LEU C 106 -15.89 14.90 -10.45
C LEU C 106 -15.20 14.32 -11.69
N ILE C 107 -13.92 13.93 -11.57
CA ILE C 107 -13.23 13.23 -12.67
C ILE C 107 -14.04 11.96 -12.98
N SER C 108 -14.34 11.16 -11.94
CA SER C 108 -15.09 9.91 -12.11
C SER C 108 -16.52 10.12 -12.64
N ALA C 109 -17.12 11.27 -12.34
CA ALA C 109 -18.46 11.63 -12.82
C ALA C 109 -18.47 11.99 -14.31
N GLY C 110 -17.30 12.30 -14.90
CA GLY C 110 -17.18 12.63 -16.32
C GLY C 110 -17.75 13.99 -16.69
N VAL C 111 -17.65 14.97 -15.78
CA VAL C 111 -18.25 16.30 -15.98
C VAL C 111 -17.24 17.44 -16.15
N LEU C 112 -15.93 17.17 -16.12
CA LEU C 112 -14.92 18.23 -16.13
C LEU C 112 -14.31 18.59 -17.48
N ARG C 113 -14.69 17.92 -18.61
CA ARG C 113 -14.08 18.24 -19.92
C ARG C 113 -14.27 19.70 -20.29
N GLY C 114 -13.17 20.41 -20.53
CA GLY C 114 -13.21 21.81 -20.90
C GLY C 114 -13.50 22.79 -19.78
N ARG C 115 -13.60 22.31 -18.51
CA ARG C 115 -13.85 23.18 -17.34
C ARG C 115 -12.52 23.63 -16.77
N LYS C 116 -12.53 24.74 -16.06
CA LYS C 116 -11.35 25.39 -15.52
C LYS C 116 -11.37 25.29 -14.00
N GLY C 117 -10.29 24.81 -13.43
CA GLY C 117 -10.24 24.66 -11.98
C GLY C 117 -8.89 24.22 -11.49
N THR C 118 -8.84 23.86 -10.22
CA THR C 118 -7.61 23.44 -9.57
C THR C 118 -7.85 22.27 -8.64
N SER C 119 -6.79 21.81 -7.98
CA SER C 119 -6.84 20.66 -7.10
C SER C 119 -5.54 20.61 -6.34
N TYR C 120 -5.38 19.58 -5.52
CA TYR C 120 -4.11 19.26 -4.90
C TYR C 120 -3.10 19.14 -6.07
N PRO C 121 -1.93 19.81 -6.05
CA PRO C 121 -1.02 19.71 -7.22
C PRO C 121 -0.58 18.29 -7.57
N GLY C 122 -0.52 17.39 -6.58
CA GLY C 122 -0.18 15.99 -6.80
C GLY C 122 -1.09 15.26 -7.78
N ILE C 123 -2.35 15.73 -8.00
CA ILE C 123 -3.24 15.09 -9.00
C ILE C 123 -3.51 16.02 -10.19
N LYS C 124 -2.70 17.07 -10.39
CA LYS C 124 -2.97 17.96 -11.55
C LYS C 124 -2.93 17.22 -12.90
N ASP C 125 -2.01 16.25 -13.09
CA ASP C 125 -1.95 15.50 -14.34
C ASP C 125 -3.20 14.69 -14.58
N ASP C 126 -3.85 14.20 -13.51
CA ASP C 126 -5.10 13.45 -13.64
C ASP C 126 -6.25 14.39 -14.00
N MET C 127 -6.25 15.62 -13.44
CA MET C 127 -7.25 16.65 -13.78
C MET C 127 -7.07 17.03 -15.26
N ILE C 128 -5.81 17.24 -15.70
CA ILE C 128 -5.51 17.58 -17.11
C ILE C 128 -5.99 16.45 -18.04
N ASN C 129 -5.74 15.17 -17.66
CA ASN C 129 -6.16 14.04 -18.50
C ASN C 129 -7.69 13.88 -18.55
N ALA C 130 -8.41 14.43 -17.55
CA ALA C 130 -9.87 14.44 -17.53
C ALA C 130 -10.45 15.63 -18.36
N GLY C 131 -9.60 16.46 -18.94
CA GLY C 131 -10.03 17.60 -19.74
C GLY C 131 -10.12 18.92 -18.99
N VAL C 132 -9.53 19.01 -17.79
CA VAL C 132 -9.56 20.27 -17.05
C VAL C 132 -8.47 21.22 -17.59
N GLU C 133 -8.75 22.51 -17.66
CA GLU C 133 -7.74 23.52 -17.91
C GLU C 133 -7.29 23.87 -16.49
N TRP C 134 -6.18 23.26 -16.03
CA TRP C 134 -5.72 23.33 -14.65
C TRP C 134 -4.96 24.63 -14.36
N VAL C 135 -5.30 25.30 -13.26
CA VAL C 135 -4.74 26.59 -12.86
C VAL C 135 -4.11 26.43 -11.47
N ASP C 136 -2.91 26.98 -11.26
CA ASP C 136 -2.28 26.95 -9.94
C ASP C 136 -2.70 28.23 -9.20
N ALA C 137 -3.86 28.21 -8.55
CA ALA C 137 -4.37 29.38 -7.81
C ALA C 137 -5.07 28.93 -6.55
N GLU C 138 -5.07 29.78 -5.52
CA GLU C 138 -5.72 29.43 -4.26
C GLU C 138 -7.21 29.17 -4.41
N VAL C 139 -7.86 29.83 -5.37
CA VAL C 139 -9.27 29.57 -5.66
C VAL C 139 -9.53 29.86 -7.12
N VAL C 140 -10.35 29.01 -7.76
CA VAL C 140 -10.77 29.21 -9.15
C VAL C 140 -12.29 29.13 -9.14
N VAL C 141 -12.96 30.03 -9.86
CA VAL C 141 -14.41 30.06 -9.96
C VAL C 141 -14.74 29.87 -11.42
N ASP C 142 -15.39 28.77 -11.79
CA ASP C 142 -15.76 28.51 -13.19
C ASP C 142 -17.25 28.20 -13.20
N GLY C 143 -18.07 29.23 -13.34
CA GLY C 143 -19.52 29.10 -13.30
C GLY C 143 -19.94 28.57 -11.94
N ASN C 144 -20.52 27.36 -11.90
CA ASN C 144 -20.95 26.73 -10.63
C ASN C 144 -19.84 26.03 -9.85
N TRP C 145 -18.64 25.83 -10.45
CA TRP C 145 -17.56 25.09 -9.81
C TRP C 145 -16.53 25.99 -9.13
N VAL C 146 -16.43 25.91 -7.80
CA VAL C 146 -15.46 26.68 -7.01
C VAL C 146 -14.40 25.67 -6.53
N SER C 147 -13.15 25.79 -6.97
CA SER C 147 -12.13 24.82 -6.59
C SER C 147 -10.94 25.46 -5.94
N SER C 148 -10.33 24.76 -4.96
CA SER C 148 -9.12 25.18 -4.26
C SER C 148 -8.15 23.99 -4.16
N ARG C 149 -6.91 24.23 -3.69
CA ARG C 149 -5.87 23.20 -3.70
C ARG C 149 -5.58 22.51 -2.39
N VAL C 150 -5.32 23.29 -1.33
CA VAL C 150 -4.80 22.78 -0.06
C VAL C 150 -5.42 23.49 1.15
N PRO C 151 -5.22 22.99 2.39
CA PRO C 151 -5.76 23.69 3.57
C PRO C 151 -5.41 25.18 3.68
N ALA C 152 -4.22 25.62 3.21
CA ALA C 152 -3.86 27.06 3.26
C ALA C 152 -4.82 27.93 2.43
N ASP C 153 -5.60 27.32 1.49
CA ASP C 153 -6.55 28.06 0.64
C ASP C 153 -7.95 28.19 1.23
N LEU C 154 -8.24 27.58 2.40
CA LEU C 154 -9.59 27.57 2.95
C LEU C 154 -10.29 28.94 2.96
N TYR C 155 -9.62 29.98 3.44
CA TYR C 155 -10.21 31.32 3.50
C TYR C 155 -10.76 31.78 2.14
N ALA C 156 -9.99 31.58 1.04
CA ALA C 156 -10.38 31.99 -0.31
C ALA C 156 -11.43 31.07 -0.91
N TRP C 157 -11.32 29.76 -0.64
CA TRP C 157 -12.24 28.74 -1.11
C TRP C 157 -13.71 29.06 -0.70
N MET C 158 -13.96 29.25 0.61
CA MET C 158 -15.33 29.55 1.06
C MET C 158 -15.70 31.00 0.85
N ARG C 159 -14.73 31.93 0.77
CA ARG C 159 -15.07 33.32 0.45
C ARG C 159 -15.82 33.30 -0.91
N GLU C 160 -15.31 32.56 -1.90
CA GLU C 160 -15.96 32.49 -3.22
C GLU C 160 -17.20 31.61 -3.22
N PHE C 161 -17.18 30.48 -2.50
CA PHE C 161 -18.36 29.60 -2.50
C PHE C 161 -19.56 30.26 -1.84
N VAL C 162 -19.35 30.98 -0.72
CA VAL C 162 -20.43 31.68 -0.03
C VAL C 162 -21.12 32.67 -0.98
N LYS C 163 -20.33 33.40 -1.82
CA LYS C 163 -20.91 34.35 -2.80
C LYS C 163 -21.84 33.63 -3.79
N LEU C 164 -21.51 32.41 -4.24
CA LEU C 164 -22.37 31.65 -5.17
C LEU C 164 -23.70 31.27 -4.54
N LEU C 165 -23.73 30.94 -3.24
CA LEU C 165 -24.95 30.53 -2.56
C LEU C 165 -25.85 31.70 -2.17
N LYS C 166 -25.36 32.96 -2.26
CA LYS C 166 -26.17 34.12 -1.91
C LYS C 166 -27.16 34.43 -3.05
C21 7MT D . -4.09 -13.53 19.20
C10 7MT D . -1.31 -14.14 24.76
C11 7MT D . -5.96 -13.08 21.19
C01 7MT D . -4.78 -15.32 23.64
C03 7MT D . -6.24 -14.76 23.74
C04 7MT D . -4.06 -14.78 25.94
C05 7MT D . -4.15 -13.45 26.71
C07 7MT D . -6.41 -12.74 26.10
C08 7MT D . -7.07 -12.59 24.73
C13 7MT D . -0.09 -14.57 25.26
C14 7MT D . 0.79 -13.67 25.81
C15 7MT D . 0.47 -12.34 25.89
C16 7MT D . -0.78 -11.93 25.41
C18 7MT D . -1.30 -10.51 25.44
C19 7MT D . -6.35 -13.54 19.94
C20 7MT D . -5.41 -13.77 18.96
C22 7MT D . -3.74 -13.05 20.48
C24 7MT D . -2.29 -12.77 20.83
C29 7MT D . -6.95 -12.80 22.34
C30 7MT D . -2.39 -15.08 24.13
N02 7MT D . -3.77 -14.64 24.51
N06 7MT D . -5.00 -12.41 26.12
N09 7MT D . -6.34 -13.25 23.62
N17 7MT D . -1.62 -12.84 24.87
N23 7MT D . -4.67 -12.84 21.44
O25 7MT D . -1.48 -12.78 19.92
O26 7MT D . -1.89 -12.52 21.99
O27 7MT D . -2.50 -10.34 25.11
O28 7MT D . -0.56 -9.56 25.79
TB 7MT D . -3.78 -11.96 23.74
H211 7MT D . -3.35 -13.71 18.44
H012 7MT D . -4.47 -15.26 22.59
H011 7MT D . -4.82 -16.37 23.92
H031 7MT D . -6.69 -15.09 24.67
H032 7MT D . -6.82 -15.20 22.93
H042 7MT D . -4.98 -15.35 26.10
H041 7MT D . -3.26 -15.37 26.41
H051 7MT D . -3.15 -13.05 26.87
H052 7MT D . -4.56 -13.68 27.70
H072 7MT D . -6.58 -13.75 26.48
H071 7MT D . -6.92 -12.05 26.78
H081 7MT D . -7.16 -11.52 24.53
H082 7MT D . -8.07 -13.02 24.78
H131 7MT D . 0.19 -15.61 25.19
H141 7MT D . 1.76 -14.01 26.17
H151 7MT D . 1.16 -11.63 26.32
H191 7MT D . -7.40 -13.73 19.74
H201 7MT D . -5.70 -14.16 17.99
H292 7MT D . -7.88 -13.32 22.18
H291 7MT D . -7.14 -11.73 22.36
H302 7MT D . -2.21 -16.10 24.47
H301 7MT D . -2.28 -15.04 23.06
H061 7MT D . -4.65 -12.12 25.18
C1 MLI E . -4.36 -7.81 22.41
C2 MLI E . -3.06 -7.22 21.76
C3 MLI E . -4.43 -9.35 22.58
O6 MLI E . -3.15 -6.30 20.89
O7 MLI E . -1.93 -7.71 22.12
O8 MLI E . -3.57 -10.07 21.92
O9 MLI E . -5.31 -9.86 23.37
H11 MLI E . -5.24 -7.51 21.84
H12 MLI E . -4.48 -7.33 23.38
TB TB F . 22.44 -28.27 31.95
TB TB G . 3.27 -4.94 23.29
C21 7MT H . 12.25 12.48 1.06
C10 7MT H . 8.18 16.53 -1.26
C11 7MT H . 12.65 15.01 2.10
C01 7MT H . 11.88 17.10 -0.61
C03 7MT H . 12.67 17.69 0.57
C04 7MT H . 10.14 18.84 -0.81
C05 7MT H . 9.25 19.47 0.27
C07 7MT H . 10.86 19.70 2.11
C08 7MT H . 11.86 18.68 2.70
C13 7MT H . 7.27 16.47 -2.31
C14 7MT H . 5.93 16.49 -2.07
C15 7MT H . 5.46 16.58 -0.79
C16 7MT H . 6.38 16.65 0.27
C18 7MT H . 5.94 16.74 1.74
C19 7MT H . 13.71 14.11 2.01
C20 7MT H . 13.50 12.86 1.47
C22 7MT H . 11.20 13.41 1.17
C24 7MT H . 9.79 13.07 0.72
C29 7MT H . 12.79 16.43 2.70
C30 7MT H . 9.70 16.52 -1.54
N02 7MT H . 10.42 17.41 -0.59
N06 7MT H . 9.60 19.12 1.66
N09 7MT H . 12.03 17.44 1.91
N17 7MT H . 7.72 16.61 0.01
N23 7MT H . 11.42 14.65 1.68
O25 7MT H . 9.53 11.89 0.52
O26 7MT H . 8.90 13.94 0.56
O27 7MT H . 6.80 16.98 2.62
O28 7MT H . 4.73 16.56 2.04
TB 7MT H . 9.46 16.41 1.86
H211 7MT H . 12.09 11.50 0.62
H012 7MT H . 12.02 16.01 -0.60
H011 7MT H . 12.29 17.48 -1.54
H031 7MT H . 12.82 18.76 0.41
H032 7MT H . 13.66 17.24 0.55
H042 7MT H . 11.07 19.41 -0.88
H041 7MT H . 9.63 18.96 -1.76
H051 7MT H . 8.21 19.18 0.09
H052 7MT H . 9.30 20.55 0.17
H072 7MT H . 11.34 20.25 1.30
H071 7MT H . 10.62 20.43 2.90
H081 7MT H . 11.50 18.43 3.70
H082 7MT H . 12.82 19.17 2.80
H131 7MT H . 7.64 16.38 -3.31
H141 7MT H . 5.24 16.41 -2.90
H151 7MT H . 4.40 16.58 -0.60
H191 7MT H . 14.68 14.40 2.35
H201 7MT H . 14.32 12.17 1.37
H292 7MT H . 13.84 16.73 2.75
H291 7MT H . 12.40 16.41 3.72
H302 7MT H . 9.88 16.85 -2.56
H301 7MT H . 10.04 15.50 -1.42
H061 7MT H . 9.54 18.09 1.84
C1 MLI I . 8.73 14.49 6.04
C2 MLI I . 7.72 13.30 6.01
C3 MLI I . 9.16 15.09 4.68
O6 MLI I . 6.69 13.43 5.25
O7 MLI I . 7.90 12.24 6.73
O8 MLI I . 8.88 14.42 3.63
O9 MLI I . 9.78 16.20 4.64
H11 MLI I . 8.33 15.31 6.64
H12 MLI I . 9.61 14.14 6.59
TB TB J . 0.69 12.30 4.94
C21 7MT K . -17.29 4.59 6.04
C10 7MT K . -14.56 1.61 1.19
C11 7MT K . -17.45 1.85 6.29
C01 7MT K . -17.84 0.71 2.95
C03 7MT K . -18.21 -0.24 4.13
C04 7MT K . -16.38 -0.80 1.64
C05 7MT K . -15.19 -1.64 2.10
C07 7MT K . -16.04 -2.47 4.26
C08 7MT K . -16.67 -1.73 5.45
C13 7MT K . -14.03 1.93 -0.06
C14 7MT K . -12.67 1.89 -0.27
C15 7MT K . -11.83 1.52 0.75
C16 7MT K . -12.37 1.19 1.99
C18 7MT K . -11.53 0.75 3.20
C19 7MT K . -18.36 2.68 6.95
C20 7MT K . -18.27 4.04 6.82
C22 7MT K . -16.38 3.74 5.39
C24 7MT K . -15.28 4.31 4.51
C29 7MT K . -17.52 0.31 6.44
C30 7MT K . -16.09 1.63 1.49
N02 7MT K . -16.48 0.48 2.37
N06 7MT K . -15.01 -1.70 3.56
N09 7MT K . -17.13 -0.36 5.17
N17 7MT K . -13.72 1.25 2.17
N23 7MT K . -16.48 2.39 5.53
O25 7MT K . -14.95 5.51 4.66
O26 7MT K . -14.65 3.58 3.69
O27 7MT K . -12.11 0.35 4.25
O28 7MT K . -10.27 0.76 3.15
TB 7MT K . -14.64 1.01 4.67
H211 7MT K . -17.23 5.66 5.93
H012 7MT K . -17.91 1.73 3.30
H011 7MT K . -18.57 0.57 2.15
H031 7MT K . -18.47 -1.22 3.74
H032 7MT K . -19.11 0.17 4.58
H042 7MT K . -17.29 -1.38 1.77
H041 7MT K . -16.27 -0.60 0.58
H051 7MT K . -14.28 -1.27 1.64
H052 7MT K . -15.35 -2.67 1.74
H072 7MT K . -16.83 -2.78 3.57
H071 7MT K . -15.58 -3.37 4.64
H081 7MT K . -15.92 -1.70 6.24
H082 7MT K . -17.52 -2.32 5.81
H131 7MT K . -14.69 2.24 -0.86
H141 7MT K . -12.27 2.16 -1.24
H151 7MT K . -10.77 1.49 0.58
H191 7MT K . -19.13 2.25 7.57
H201 7MT K . -18.98 4.68 7.31
H292 7MT K . -18.52 0.01 6.73
H291 7MT K . -16.83 0.04 7.23
H302 7MT K . -16.64 1.59 0.55
H301 7MT K . -16.32 2.57 1.99
H061 7MT K . -14.85 -0.76 3.97
C1 MLI L . -11.59 1.16 7.67
C2 MLI L . -13.04 1.37 7.16
C3 MLI L . -10.80 2.43 8.05
O6 MLI L . -13.89 0.50 7.52
O7 MLI L . -13.32 2.37 6.42
O8 MLI L . -10.49 3.29 7.15
O9 MLI L . -10.49 2.58 9.28
H11 MLI L . -11.00 0.63 6.91
H12 MLI L . -11.64 0.49 8.51
TB TB M . -5.31 4.50 5.17
#